data_3USG
#
_entry.id   3USG
#
_cell.length_a   123.814
_cell.length_b   90.859
_cell.length_c   81.645
_cell.angle_alpha   90.00
_cell.angle_beta   103.78
_cell.angle_gamma   90.00
#
_symmetry.space_group_name_H-M   'C 1 2 1'
#
loop_
_entity.id
_entity.type
_entity.pdbx_description
1 polymer Transporter
2 non-polymer LEUCINE
3 non-polymer 'SODIUM ION'
4 non-polymer 'ACETATE ION'
5 non-polymer DI(HYDROXYETHYL)ETHER
6 non-polymer UNDECANE
7 non-polymer PHOSPHOCHOLINE
8 water water
#
_entity_poly.entity_id   1
_entity_poly.type   'polypeptide(L)'
_entity_poly.pdbx_seq_one_letter_code
;MEVKREHWATRLGLILAMAGNAVGLGNFLRFPVQAAENGGGAFMIPYIIAFLLVGIPLMWIEWAMGRYGGAQGHGTTPAI
FYLLWRNRFAKILGVFGLWIPLVVAIYYVYIESWTLGFAIKFLVGLVPEPPPNATDPDSILRPFKEFLYSYIGVPKGDEP
ILKPSLFAYIVFLITMFINVSILIRGISKGIERFAKIAMPTLFILAVFLVIRVFLLETPNGTAADGLNFLWTPDFEKLKD
PGVWIAAVGQIFFTLSLGFGAIITYASYVRKDQDIVLSGLTAATLNEKAEVILGGSISIPAAVAFFGVANAVAIAKAGAF
NLGFITLPAIFSQTAGGTFLGFLWFFLLFFAGLTSSIAIMQPMIAFLEDELKLSRKHAVLWTAAIVFFSAHLVMFLNKSL
DEMDFWAGTIGVVFFGLTELIIFFWIFGADKAWEEINRGGIIKVPRIYYYVMRYITPAFLAVLLVVWAREYIPKIMEETH
WTVWITRFYIIGLFLFLTFLVFLAERRRNHESAGTLVPR
;
_entity_poly.pdbx_strand_id   A
#
# COMPACT_ATOMS: atom_id res chain seq x y z
N ARG A 5 -23.67 -14.72 1.70
CA ARG A 5 -22.38 -14.04 1.58
C ARG A 5 -21.26 -14.91 2.13
N GLU A 6 -20.09 -14.85 1.50
CA GLU A 6 -18.94 -15.61 1.96
C GLU A 6 -18.37 -14.98 3.24
N HIS A 7 -17.78 -15.81 4.09
CA HIS A 7 -17.24 -15.33 5.36
C HIS A 7 -15.87 -15.92 5.66
N TRP A 8 -15.11 -15.21 6.49
CA TRP A 8 -13.83 -15.73 6.96
C TRP A 8 -14.08 -16.96 7.83
N ALA A 9 -13.27 -17.98 7.65
CA ALA A 9 -13.46 -19.25 8.35
C ALA A 9 -13.14 -19.14 9.83
N THR A 10 -11.97 -18.59 10.15
CA THR A 10 -11.53 -18.47 11.54
C THR A 10 -11.10 -17.05 11.85
N ARG A 11 -10.99 -16.74 13.15
CA ARG A 11 -10.56 -15.42 13.59
C ARG A 11 -9.10 -15.20 13.22
N LEU A 12 -8.28 -16.24 13.42
CA LEU A 12 -6.87 -16.17 13.04
C LEU A 12 -6.72 -15.85 11.57
N GLY A 13 -7.41 -16.61 10.73
CA GLY A 13 -7.37 -16.39 9.30
C GLY A 13 -7.74 -14.97 8.93
N LEU A 14 -8.79 -14.46 9.58
CA LEU A 14 -9.20 -13.07 9.39
C LEU A 14 -8.06 -12.11 9.72
N ILE A 15 -7.47 -12.28 10.90
CA ILE A 15 -6.38 -11.42 11.35
C ILE A 15 -5.22 -11.42 10.37
N LEU A 16 -4.76 -12.61 9.98
CA LEU A 16 -3.63 -12.73 9.08
C LEU A 16 -3.96 -12.21 7.68
N ALA A 17 -5.23 -12.31 7.29
CA ALA A 17 -5.67 -11.79 6.00
C ALA A 17 -5.58 -10.27 5.98
N MET A 18 -6.16 -9.65 7.00
CA MET A 18 -6.12 -8.20 7.14
C MET A 18 -4.68 -7.70 7.26
N ALA A 19 -3.87 -8.42 8.03
CA ALA A 19 -2.47 -8.06 8.22
C ALA A 19 -1.70 -8.17 6.90
N GLY A 20 -2.06 -9.18 6.10
CA GLY A 20 -1.50 -9.34 4.77
C GLY A 20 -1.92 -8.18 3.89
N ASN A 21 -3.14 -7.69 4.11
CA ASN A 21 -3.61 -6.51 3.42
C ASN A 21 -2.72 -5.31 3.74
N ALA A 22 -2.62 -5.00 5.03
CA ALA A 22 -1.77 -3.91 5.52
C ALA A 22 -0.29 -4.08 5.14
N VAL A 23 0.34 -5.13 5.68
CA VAL A 23 1.77 -5.33 5.55
C VAL A 23 2.19 -5.68 4.12
N GLY A 24 3.06 -4.85 3.55
CA GLY A 24 3.40 -4.96 2.14
C GLY A 24 4.54 -4.06 1.73
N LEU A 25 4.63 -3.80 0.43
CA LEU A 25 5.71 -2.98 -0.12
C LEU A 25 5.84 -1.64 0.60
N GLY A 26 4.73 -1.15 1.14
CA GLY A 26 4.73 0.11 1.87
C GLY A 26 5.61 0.08 3.10
N ASN A 27 5.78 -1.10 3.69
CA ASN A 27 6.58 -1.24 4.90
C ASN A 27 8.08 -1.29 4.63
N PHE A 28 8.47 -2.06 3.60
CA PHE A 28 9.88 -2.30 3.33
C PHE A 28 10.50 -1.40 2.26
N LEU A 29 9.67 -0.56 1.64
CA LEU A 29 10.15 0.34 0.59
C LEU A 29 9.79 1.80 0.87
N ARG A 30 8.49 2.08 0.91
CA ARG A 30 8.02 3.44 1.11
C ARG A 30 8.49 4.01 2.44
N PHE A 31 8.27 3.25 3.52
CA PHE A 31 8.58 3.73 4.87
C PHE A 31 10.04 4.15 5.06
N PRO A 32 10.99 3.24 4.75
CA PRO A 32 12.39 3.60 4.93
C PRO A 32 12.72 4.93 4.25
N VAL A 33 12.22 5.09 3.03
CA VAL A 33 12.46 6.32 2.27
C VAL A 33 11.86 7.54 2.95
N GLN A 34 10.59 7.43 3.33
CA GLN A 34 9.89 8.53 3.99
C GLN A 34 10.61 8.97 5.28
N ALA A 35 10.97 7.99 6.10
CA ALA A 35 11.63 8.27 7.37
C ALA A 35 13.02 8.85 7.16
N ALA A 36 13.71 8.36 6.13
CA ALA A 36 15.05 8.85 5.82
C ALA A 36 15.03 10.31 5.33
N GLU A 37 14.14 10.61 4.39
CA GLU A 37 14.01 11.96 3.85
C GLU A 37 13.60 12.95 4.92
N ASN A 38 12.83 12.48 5.90
CA ASN A 38 12.26 13.35 6.93
C ASN A 38 13.08 13.47 8.20
N GLY A 39 14.29 12.91 8.19
CA GLY A 39 15.20 13.10 9.31
C GLY A 39 15.21 12.04 10.41
N GLY A 40 14.82 10.82 10.08
CA GLY A 40 14.89 9.73 11.04
C GLY A 40 13.92 9.89 12.19
N GLY A 41 14.46 9.95 13.42
CA GLY A 41 13.64 10.11 14.60
C GLY A 41 12.63 11.24 14.51
N ALA A 42 13.03 12.34 13.88
CA ALA A 42 12.16 13.50 13.72
C ALA A 42 10.83 13.12 13.05
N PHE A 43 10.87 12.14 12.17
CA PHE A 43 9.70 11.67 11.44
C PHE A 43 8.81 10.77 12.29
N MET A 44 9.40 10.11 13.29
CA MET A 44 8.68 9.14 14.10
C MET A 44 7.54 9.74 14.94
N ILE A 45 7.84 10.82 15.66
CA ILE A 45 6.83 11.43 16.53
C ILE A 45 5.54 11.68 15.76
N PRO A 46 5.59 12.52 14.71
CA PRO A 46 4.38 12.78 13.92
C PRO A 46 3.78 11.47 13.49
N TYR A 47 4.62 10.55 13.01
CA TYR A 47 4.17 9.25 12.57
C TYR A 47 3.30 8.61 13.64
N ILE A 48 3.84 8.49 14.84
CA ILE A 48 3.14 7.85 15.93
C ILE A 48 1.82 8.58 16.16
N ILE A 49 1.89 9.91 16.20
CA ILE A 49 0.69 10.70 16.44
C ILE A 49 -0.31 10.41 15.32
N ALA A 50 0.18 10.40 14.09
CA ALA A 50 -0.68 10.15 12.94
C ALA A 50 -1.30 8.77 13.06
N PHE A 51 -0.56 7.85 13.66
CA PHE A 51 -1.07 6.50 13.87
C PHE A 51 -2.20 6.48 14.89
N LEU A 52 -2.09 7.33 15.92
CA LEU A 52 -3.07 7.36 17.00
C LEU A 52 -4.34 8.12 16.64
N LEU A 53 -4.18 9.27 16.00
CA LEU A 53 -5.31 10.14 15.72
C LEU A 53 -5.96 9.90 14.35
N VAL A 54 -5.32 9.08 13.53
CA VAL A 54 -5.81 8.86 12.17
C VAL A 54 -5.96 7.38 11.83
N GLY A 55 -4.84 6.66 11.83
CA GLY A 55 -4.82 5.26 11.45
C GLY A 55 -5.80 4.38 12.19
N ILE A 56 -5.76 4.43 13.52
CA ILE A 56 -6.61 3.56 14.35
C ILE A 56 -8.11 3.86 14.18
N PRO A 57 -8.51 5.13 14.38
CA PRO A 57 -9.93 5.48 14.25
C PRO A 57 -10.48 5.16 12.87
N LEU A 58 -9.74 5.50 11.82
CA LEU A 58 -10.18 5.20 10.46
C LEU A 58 -10.21 3.70 10.19
N MET A 59 -9.29 2.97 10.79
CA MET A 59 -9.26 1.52 10.66
C MET A 59 -10.55 0.93 11.23
N TRP A 60 -10.88 1.32 12.46
CA TRP A 60 -12.11 0.87 13.11
C TRP A 60 -13.34 1.26 12.29
N ILE A 61 -13.35 2.50 11.82
CA ILE A 61 -14.47 3.00 11.01
C ILE A 61 -14.66 2.15 9.75
N GLU A 62 -13.57 1.82 9.09
CA GLU A 62 -13.64 1.03 7.86
C GLU A 62 -14.09 -0.41 8.14
N TRP A 63 -13.60 -0.99 9.23
CA TRP A 63 -14.06 -2.30 9.65
C TRP A 63 -15.57 -2.29 9.88
N ALA A 64 -16.03 -1.27 10.60
CA ALA A 64 -17.45 -1.13 10.92
C ALA A 64 -18.31 -0.98 9.67
N MET A 65 -17.94 -0.05 8.79
CA MET A 65 -18.68 0.14 7.55
C MET A 65 -18.69 -1.14 6.73
N GLY A 66 -17.54 -1.80 6.65
CA GLY A 66 -17.40 -3.04 5.92
C GLY A 66 -18.35 -4.12 6.41
N ARG A 67 -18.30 -4.42 7.70
CA ARG A 67 -19.17 -5.44 8.28
C ARG A 67 -20.64 -5.06 8.12
N TYR A 68 -20.93 -3.78 8.34
CA TYR A 68 -22.29 -3.26 8.22
C TYR A 68 -22.87 -3.52 6.83
N GLY A 69 -22.10 -3.16 5.80
CA GLY A 69 -22.54 -3.36 4.43
C GLY A 69 -22.59 -4.84 4.08
N GLY A 70 -21.63 -5.59 4.61
CA GLY A 70 -21.53 -7.02 4.34
C GLY A 70 -22.75 -7.77 4.83
N ALA A 71 -23.26 -7.37 6.00
CA ALA A 71 -24.45 -7.99 6.56
C ALA A 71 -25.60 -7.94 5.56
N GLN A 72 -25.65 -6.87 4.78
CA GLN A 72 -26.72 -6.66 3.81
C GLN A 72 -26.34 -7.13 2.41
N GLY A 73 -25.16 -7.70 2.27
CA GLY A 73 -24.71 -8.24 0.99
C GLY A 73 -23.95 -7.27 0.11
N HIS A 74 -23.37 -6.25 0.73
CA HIS A 74 -22.62 -5.24 -0.03
C HIS A 74 -21.23 -4.99 0.56
N GLY A 75 -20.21 -5.25 -0.23
CA GLY A 75 -18.84 -5.11 0.24
C GLY A 75 -18.11 -3.88 -0.29
N THR A 76 -18.79 -3.11 -1.13
CA THR A 76 -18.15 -1.95 -1.75
C THR A 76 -18.87 -0.63 -1.45
N THR A 77 -18.11 0.46 -1.50
CA THR A 77 -18.60 1.78 -1.12
C THR A 77 -19.78 2.33 -1.94
N PRO A 78 -19.82 2.04 -3.25
CA PRO A 78 -20.98 2.55 -4.00
C PRO A 78 -22.31 2.20 -3.33
N ALA A 79 -22.45 0.96 -2.87
CA ALA A 79 -23.65 0.52 -2.18
C ALA A 79 -23.70 0.97 -0.72
N ILE A 80 -22.59 0.76 -0.01
CA ILE A 80 -22.52 1.06 1.42
C ILE A 80 -22.78 2.53 1.74
N PHE A 81 -22.13 3.42 1.01
CA PHE A 81 -22.38 4.85 1.16
C PHE A 81 -23.87 5.15 1.02
N TYR A 82 -24.53 4.40 0.14
CA TYR A 82 -25.96 4.60 -0.10
C TYR A 82 -26.78 4.07 1.07
N LEU A 83 -26.33 2.97 1.67
CA LEU A 83 -26.99 2.44 2.85
C LEU A 83 -26.88 3.40 4.03
N LEU A 84 -25.73 4.05 4.16
CA LEU A 84 -25.47 4.97 5.26
C LEU A 84 -26.14 6.31 5.02
N TRP A 85 -26.18 6.72 3.75
CA TRP A 85 -26.78 7.98 3.35
C TRP A 85 -27.53 7.74 2.05
N ARG A 86 -28.78 8.17 1.97
CA ARG A 86 -29.55 7.91 0.77
C ARG A 86 -29.37 9.09 -0.18
N ASN A 87 -28.58 8.86 -1.23
CA ASN A 87 -28.32 9.87 -2.24
C ASN A 87 -27.74 9.19 -3.49
N ARG A 88 -27.83 9.86 -4.63
CA ARG A 88 -27.15 9.38 -5.83
C ARG A 88 -25.68 9.79 -5.72
N PHE A 89 -25.47 10.98 -5.18
CA PHE A 89 -24.14 11.54 -5.01
C PHE A 89 -23.31 10.70 -4.05
N ALA A 90 -24.00 9.99 -3.15
CA ALA A 90 -23.32 9.07 -2.24
C ALA A 90 -22.74 7.90 -3.02
N LYS A 91 -23.47 7.46 -4.04
CA LYS A 91 -22.98 6.40 -4.92
C LYS A 91 -21.82 6.92 -5.76
N ILE A 92 -21.99 8.10 -6.35
CA ILE A 92 -20.94 8.72 -7.14
C ILE A 92 -19.64 8.81 -6.34
N LEU A 93 -19.75 9.27 -5.09
CA LEU A 93 -18.60 9.33 -4.20
C LEU A 93 -18.10 7.92 -3.92
N GLY A 94 -19.03 6.98 -3.82
CA GLY A 94 -18.69 5.58 -3.59
C GLY A 94 -17.81 5.02 -4.68
N VAL A 95 -17.93 5.57 -5.89
CA VAL A 95 -17.11 5.11 -7.01
C VAL A 95 -15.61 5.12 -6.71
N PHE A 96 -15.18 6.02 -5.83
CA PHE A 96 -13.77 6.14 -5.48
C PHE A 96 -13.23 4.90 -4.77
N GLY A 97 -14.12 4.21 -4.04
CA GLY A 97 -13.76 2.98 -3.36
C GLY A 97 -13.47 1.84 -4.31
N LEU A 98 -13.67 2.10 -5.60
CA LEU A 98 -13.34 1.16 -6.66
C LEU A 98 -12.17 1.72 -7.45
N TRP A 99 -12.38 2.92 -7.99
CA TRP A 99 -11.37 3.62 -8.77
C TRP A 99 -10.00 3.62 -8.09
N ILE A 100 -9.95 3.97 -6.81
CA ILE A 100 -8.67 4.04 -6.09
C ILE A 100 -7.93 2.70 -6.04
N PRO A 101 -8.57 1.65 -5.50
CA PRO A 101 -7.90 0.35 -5.43
C PRO A 101 -7.54 -0.20 -6.81
N LEU A 102 -8.36 0.08 -7.82
CA LEU A 102 -8.06 -0.36 -9.18
C LEU A 102 -6.80 0.33 -9.71
N VAL A 103 -6.81 1.66 -9.69
CA VAL A 103 -5.67 2.45 -10.15
C VAL A 103 -4.39 2.06 -9.43
N VAL A 104 -4.44 2.00 -8.10
CA VAL A 104 -3.25 1.62 -7.34
C VAL A 104 -2.80 0.21 -7.71
N ALA A 105 -3.76 -0.70 -7.85
CA ALA A 105 -3.47 -2.08 -8.21
C ALA A 105 -2.67 -2.14 -9.51
N ILE A 106 -3.06 -1.29 -10.46
CA ILE A 106 -2.43 -1.29 -11.78
C ILE A 106 -0.89 -1.23 -11.72
N TYR A 107 -0.33 -0.22 -11.05
CA TYR A 107 1.12 -0.12 -10.93
C TYR A 107 1.71 -1.00 -9.82
N TYR A 108 0.95 -1.15 -8.74
CA TYR A 108 1.40 -1.93 -7.60
C TYR A 108 1.76 -3.35 -8.00
N VAL A 109 0.85 -4.01 -8.72
CA VAL A 109 1.08 -5.38 -9.17
C VAL A 109 2.31 -5.46 -10.08
N TYR A 110 2.58 -4.38 -10.81
CA TYR A 110 3.74 -4.33 -11.69
C TYR A 110 5.03 -4.30 -10.87
N ILE A 111 5.09 -3.42 -9.88
CA ILE A 111 6.23 -3.39 -8.96
C ILE A 111 6.42 -4.76 -8.31
N GLU A 112 5.31 -5.36 -7.91
CA GLU A 112 5.33 -6.70 -7.34
C GLU A 112 6.01 -7.67 -8.31
N SER A 113 5.62 -7.61 -9.58
CA SER A 113 6.24 -8.45 -10.59
C SER A 113 7.74 -8.18 -10.65
N TRP A 114 8.13 -6.92 -10.46
CA TRP A 114 9.55 -6.59 -10.36
C TRP A 114 10.20 -7.44 -9.27
N THR A 115 9.65 -7.35 -8.06
CA THR A 115 10.22 -8.10 -6.94
C THR A 115 10.30 -9.59 -7.27
N LEU A 116 9.33 -10.10 -8.00
CA LEU A 116 9.33 -11.52 -8.39
C LEU A 116 10.49 -11.84 -9.33
N GLY A 117 10.60 -11.06 -10.41
CA GLY A 117 11.67 -11.25 -11.38
C GLY A 117 13.04 -11.18 -10.74
N PHE A 118 13.24 -10.18 -9.90
CA PHE A 118 14.49 -10.06 -9.14
C PHE A 118 14.72 -11.27 -8.26
N ALA A 119 13.67 -11.73 -7.57
CA ALA A 119 13.79 -12.91 -6.72
C ALA A 119 14.31 -14.08 -7.55
N ILE A 120 13.72 -14.30 -8.71
CA ILE A 120 14.12 -15.39 -9.58
C ILE A 120 15.58 -15.26 -10.03
N LYS A 121 15.93 -14.10 -10.59
CA LYS A 121 17.27 -13.90 -11.10
C LYS A 121 18.34 -14.03 -10.02
N PHE A 122 18.04 -13.54 -8.81
CA PHE A 122 18.97 -13.66 -7.69
C PHE A 122 19.07 -15.09 -7.19
N LEU A 123 17.96 -15.82 -7.24
CA LEU A 123 17.97 -17.23 -6.87
C LEU A 123 18.86 -18.02 -7.83
N VAL A 124 18.59 -17.91 -9.13
CA VAL A 124 19.37 -18.61 -10.14
C VAL A 124 20.79 -18.07 -10.20
N GLY A 125 20.99 -16.87 -9.66
CA GLY A 125 22.31 -16.29 -9.56
C GLY A 125 22.77 -15.48 -10.75
N LEU A 126 21.83 -15.01 -11.57
CA LEU A 126 22.22 -14.11 -12.64
C LEU A 126 22.05 -12.69 -12.13
N VAL A 127 23.17 -12.05 -11.82
CA VAL A 127 23.20 -10.71 -11.26
C VAL A 127 24.49 -10.01 -11.68
N PRO A 128 24.49 -8.67 -11.66
CA PRO A 128 25.73 -7.94 -11.95
C PRO A 128 26.79 -8.30 -10.90
N GLU A 129 28.05 -8.39 -11.33
CA GLU A 129 29.12 -8.73 -10.40
C GLU A 129 30.07 -7.57 -10.19
N PRO A 130 29.99 -6.92 -9.02
CA PRO A 130 30.89 -5.82 -8.64
C PRO A 130 32.24 -6.37 -8.19
N PRO A 131 33.31 -5.56 -8.34
CA PRO A 131 34.66 -5.96 -7.94
C PRO A 131 34.71 -6.50 -6.50
N THR A 135 36.30 -0.79 -4.33
CA THR A 135 36.13 -0.01 -3.10
C THR A 135 35.51 1.36 -3.40
N ASP A 136 35.18 1.60 -4.66
CA ASP A 136 34.52 2.82 -5.07
C ASP A 136 33.01 2.60 -5.12
N PRO A 137 32.26 3.38 -4.32
CA PRO A 137 30.80 3.23 -4.22
C PRO A 137 30.08 3.22 -5.57
N ASP A 138 30.47 4.10 -6.47
CA ASP A 138 29.82 4.20 -7.78
C ASP A 138 30.08 2.98 -8.66
N SER A 139 31.24 2.34 -8.48
CA SER A 139 31.57 1.14 -9.25
C SER A 139 30.79 -0.06 -8.71
N ILE A 140 30.39 0.01 -7.45
CA ILE A 140 29.58 -1.03 -6.82
C ILE A 140 28.10 -0.88 -7.16
N LEU A 141 27.61 0.36 -7.13
CA LEU A 141 26.21 0.65 -7.37
C LEU A 141 25.83 0.65 -8.87
N ARG A 142 26.73 1.18 -9.68
CA ARG A 142 26.46 1.34 -11.12
C ARG A 142 25.96 0.07 -11.80
N PRO A 143 26.61 -1.07 -11.56
CA PRO A 143 26.18 -2.32 -12.18
C PRO A 143 24.72 -2.66 -11.85
N PHE A 144 24.31 -2.41 -10.62
CA PHE A 144 22.95 -2.71 -10.19
C PHE A 144 21.95 -1.69 -10.72
N LYS A 145 22.36 -0.44 -10.83
CA LYS A 145 21.52 0.57 -11.48
C LYS A 145 21.26 0.18 -12.92
N GLU A 146 22.32 -0.23 -13.62
CA GLU A 146 22.19 -0.67 -15.00
C GLU A 146 21.32 -1.92 -15.08
N PHE A 147 21.43 -2.76 -14.05
CA PHE A 147 20.63 -3.97 -13.97
C PHE A 147 19.13 -3.64 -13.93
N LEU A 148 18.75 -2.80 -12.97
CA LEU A 148 17.36 -2.37 -12.85
C LEU A 148 16.87 -1.68 -14.12
N TYR A 149 17.68 -0.75 -14.63
CA TYR A 149 17.30 0.00 -15.83
C TYR A 149 17.11 -0.91 -17.03
N SER A 150 17.92 -1.96 -17.14
CA SER A 150 17.77 -2.92 -18.21
C SER A 150 16.51 -3.74 -18.01
N TYR A 151 16.21 -4.05 -16.75
CA TYR A 151 15.01 -4.82 -16.42
C TYR A 151 13.73 -4.09 -16.82
N ILE A 152 13.57 -2.87 -16.33
CA ILE A 152 12.35 -2.11 -16.60
C ILE A 152 12.46 -1.21 -17.83
N GLY A 153 13.63 -1.21 -18.46
CA GLY A 153 13.84 -0.47 -19.70
C GLY A 153 13.83 1.05 -19.54
N VAL A 154 14.63 1.54 -18.59
CA VAL A 154 14.72 2.98 -18.36
C VAL A 154 15.55 3.67 -19.45
N PRO A 155 15.04 4.82 -19.94
CA PRO A 155 15.69 5.62 -20.98
C PRO A 155 16.94 6.36 -20.46
N LYS A 156 17.88 6.65 -21.36
CA LYS A 156 19.15 7.24 -20.99
C LYS A 156 19.07 8.69 -20.49
N GLY A 157 18.50 9.56 -21.31
CA GLY A 157 18.23 10.93 -20.91
C GLY A 157 16.89 10.85 -20.19
N ASP A 158 16.12 11.93 -20.21
CA ASP A 158 14.74 11.81 -19.76
C ASP A 158 13.88 11.69 -21.02
N GLU A 159 13.39 10.48 -21.25
CA GLU A 159 12.61 10.19 -22.45
C GLU A 159 11.32 9.48 -22.05
N PRO A 160 10.23 9.78 -22.75
CA PRO A 160 8.88 9.37 -22.36
C PRO A 160 8.65 7.85 -22.45
N ILE A 161 9.42 7.14 -23.26
CA ILE A 161 9.11 5.73 -23.53
C ILE A 161 9.98 4.74 -22.77
N LEU A 162 9.35 3.73 -22.18
CA LEU A 162 10.04 2.66 -21.49
C LEU A 162 10.07 1.41 -22.37
N LYS A 163 11.17 0.67 -22.29
CA LYS A 163 11.30 -0.56 -23.06
C LYS A 163 11.56 -1.75 -22.15
N PRO A 164 10.49 -2.25 -21.51
CA PRO A 164 10.57 -3.41 -20.61
C PRO A 164 11.12 -4.64 -21.33
N SER A 165 12.06 -5.32 -20.71
CA SER A 165 12.61 -6.55 -21.28
C SER A 165 11.52 -7.62 -21.35
N LEU A 166 11.69 -8.56 -22.28
CA LEU A 166 10.74 -9.66 -22.43
C LEU A 166 10.53 -10.39 -21.11
N PHE A 167 11.62 -10.60 -20.39
CA PHE A 167 11.59 -11.31 -19.11
C PHE A 167 10.66 -10.62 -18.12
N ALA A 168 10.79 -9.30 -18.01
CA ALA A 168 9.95 -8.52 -17.10
C ALA A 168 8.47 -8.68 -17.45
N TYR A 169 8.17 -8.63 -18.74
CA TYR A 169 6.81 -8.77 -19.23
C TYR A 169 6.23 -10.13 -18.86
N ILE A 170 6.97 -11.18 -19.21
CA ILE A 170 6.56 -12.54 -18.90
C ILE A 170 6.34 -12.73 -17.40
N VAL A 171 7.24 -12.17 -16.60
CA VAL A 171 7.13 -12.27 -15.14
C VAL A 171 5.89 -11.52 -14.66
N PHE A 172 5.54 -10.44 -15.36
CA PHE A 172 4.32 -9.72 -15.03
C PHE A 172 3.10 -10.60 -15.28
N LEU A 173 3.10 -11.27 -16.42
CA LEU A 173 2.04 -12.24 -16.73
C LEU A 173 1.92 -13.29 -15.63
N ILE A 174 3.06 -13.87 -15.25
CA ILE A 174 3.09 -14.88 -14.20
C ILE A 174 2.50 -14.33 -12.90
N THR A 175 2.91 -13.12 -12.52
CA THR A 175 2.42 -12.49 -11.30
C THR A 175 0.90 -12.38 -11.34
N MET A 176 0.38 -11.83 -12.44
CA MET A 176 -1.06 -11.75 -12.62
C MET A 176 -1.70 -13.13 -12.43
N PHE A 177 -1.06 -14.15 -12.99
CA PHE A 177 -1.56 -15.52 -12.87
C PHE A 177 -1.63 -15.99 -11.41
N ILE A 178 -0.61 -15.67 -10.62
CA ILE A 178 -0.59 -16.05 -9.21
C ILE A 178 -1.71 -15.34 -8.45
N ASN A 179 -1.78 -14.02 -8.63
CA ASN A 179 -2.87 -13.25 -8.05
C ASN A 179 -4.22 -13.88 -8.35
N VAL A 180 -4.43 -14.22 -9.63
CA VAL A 180 -5.69 -14.84 -10.06
C VAL A 180 -5.94 -16.18 -9.39
N SER A 181 -4.91 -17.02 -9.34
CA SER A 181 -5.03 -18.35 -8.76
C SER A 181 -5.44 -18.25 -7.29
N ILE A 182 -4.94 -17.23 -6.61
CA ILE A 182 -5.32 -17.00 -5.22
C ILE A 182 -6.75 -16.47 -5.09
N LEU A 183 -7.06 -15.41 -5.85
CA LEU A 183 -8.35 -14.73 -5.74
C LEU A 183 -9.53 -15.58 -6.20
N ILE A 184 -9.28 -16.50 -7.12
CA ILE A 184 -10.35 -17.28 -7.73
C ILE A 184 -10.91 -18.36 -6.80
N ARG A 185 -10.20 -18.64 -5.71
CA ARG A 185 -10.65 -19.66 -4.77
C ARG A 185 -11.54 -19.10 -3.68
N GLY A 186 -11.69 -17.78 -3.65
CA GLY A 186 -12.59 -17.13 -2.72
C GLY A 186 -11.93 -16.55 -1.48
N ILE A 187 -12.76 -16.07 -0.55
CA ILE A 187 -12.29 -15.44 0.67
C ILE A 187 -11.60 -16.41 1.62
N SER A 188 -12.30 -17.46 2.01
CA SER A 188 -11.76 -18.41 2.99
C SER A 188 -10.74 -19.36 2.38
N LYS A 189 -11.08 -19.93 1.23
CA LYS A 189 -10.20 -20.90 0.58
C LYS A 189 -8.99 -20.27 -0.10
N GLY A 190 -9.22 -19.26 -0.92
CA GLY A 190 -8.13 -18.59 -1.62
C GLY A 190 -7.27 -17.65 -0.79
N ILE A 191 -7.90 -16.67 -0.16
CA ILE A 191 -7.16 -15.61 0.54
C ILE A 191 -6.66 -16.01 1.93
N GLU A 192 -7.55 -16.61 2.72
CA GLU A 192 -7.25 -16.97 4.10
C GLU A 192 -6.15 -18.03 4.16
N ARG A 193 -6.35 -19.10 3.40
CA ARG A 193 -5.38 -20.18 3.31
C ARG A 193 -4.00 -19.61 3.03
N PHE A 194 -3.90 -18.79 1.98
CA PHE A 194 -2.62 -18.22 1.60
C PHE A 194 -2.05 -17.33 2.70
N ALA A 195 -2.92 -16.55 3.34
CA ALA A 195 -2.47 -15.68 4.43
C ALA A 195 -1.77 -16.48 5.51
N LYS A 196 -2.39 -17.58 5.92
CA LYS A 196 -1.87 -18.41 7.00
C LYS A 196 -0.44 -18.92 6.75
N ILE A 197 -0.02 -18.91 5.49
CA ILE A 197 1.32 -19.36 5.12
C ILE A 197 2.24 -18.16 4.89
N ALA A 198 1.87 -17.38 3.88
CA ALA A 198 2.63 -16.20 3.46
C ALA A 198 2.97 -15.28 4.62
N MET A 199 2.04 -15.08 5.55
CA MET A 199 2.33 -14.17 6.67
C MET A 199 3.46 -14.68 7.57
N PRO A 200 3.33 -15.91 8.11
CA PRO A 200 4.41 -16.47 8.92
C PRO A 200 5.73 -16.50 8.15
N THR A 201 5.70 -16.94 6.90
CA THR A 201 6.90 -16.95 6.07
C THR A 201 7.53 -15.56 6.05
N LEU A 202 6.69 -14.57 5.82
CA LEU A 202 7.11 -13.17 5.72
C LEU A 202 7.79 -12.70 7.01
N PHE A 203 7.16 -12.99 8.15
CA PHE A 203 7.73 -12.60 9.44
C PHE A 203 9.07 -13.25 9.68
N ILE A 204 9.18 -14.54 9.38
CA ILE A 204 10.44 -15.26 9.55
C ILE A 204 11.55 -14.64 8.70
N LEU A 205 11.28 -14.49 7.40
CA LEU A 205 12.25 -13.87 6.49
C LEU A 205 12.66 -12.49 6.98
N ALA A 206 11.68 -11.69 7.39
CA ALA A 206 11.94 -10.33 7.84
C ALA A 206 12.84 -10.31 9.07
N VAL A 207 12.56 -11.18 10.03
CA VAL A 207 13.40 -11.28 11.23
C VAL A 207 14.83 -11.67 10.87
N PHE A 208 14.95 -12.72 10.06
CA PHE A 208 16.26 -13.17 9.60
C PHE A 208 17.06 -12.02 8.97
N LEU A 209 16.42 -11.31 8.05
CA LEU A 209 17.07 -10.19 7.37
C LEU A 209 17.47 -9.09 8.36
N VAL A 210 16.58 -8.81 9.31
CA VAL A 210 16.87 -7.79 10.32
C VAL A 210 18.13 -8.16 11.10
N ILE A 211 18.21 -9.42 11.54
CA ILE A 211 19.37 -9.89 12.28
C ILE A 211 20.66 -9.84 11.45
N ARG A 212 20.59 -10.38 10.24
CA ARG A 212 21.75 -10.39 9.36
C ARG A 212 22.27 -8.97 9.11
N VAL A 213 21.34 -8.05 8.84
CA VAL A 213 21.69 -6.66 8.60
C VAL A 213 22.31 -6.03 9.85
N PHE A 214 21.73 -6.33 11.01
CA PHE A 214 22.23 -5.77 12.26
C PHE A 214 23.70 -6.12 12.48
N LEU A 215 24.13 -7.23 11.91
CA LEU A 215 25.52 -7.69 12.04
C LEU A 215 26.50 -6.96 11.13
N LEU A 216 25.98 -6.10 10.26
CA LEU A 216 26.82 -5.40 9.29
C LEU A 216 27.55 -4.24 9.95
N GLU A 217 28.88 -4.31 9.94
CA GLU A 217 29.72 -3.26 10.50
C GLU A 217 30.95 -3.03 9.63
N THR A 218 31.20 -1.78 9.26
CA THR A 218 32.35 -1.45 8.43
C THR A 218 33.08 -0.23 8.97
N PRO A 219 34.21 0.14 8.34
CA PRO A 219 34.90 1.39 8.72
C PRO A 219 34.07 2.63 8.44
N ASN A 220 33.05 2.52 7.60
CA ASN A 220 32.19 3.66 7.28
C ASN A 220 31.00 3.82 8.21
N GLY A 221 30.74 2.81 9.03
CA GLY A 221 29.61 2.86 9.95
C GLY A 221 29.08 1.50 10.33
N THR A 222 27.91 1.49 10.95
CA THR A 222 27.28 0.25 11.39
C THR A 222 25.76 0.33 11.25
N ALA A 223 25.10 -0.82 11.27
CA ALA A 223 23.65 -0.87 11.24
C ALA A 223 23.09 -0.19 12.49
N ALA A 224 23.82 -0.35 13.60
CA ALA A 224 23.42 0.27 14.85
C ALA A 224 23.33 1.79 14.71
N ASP A 225 24.26 2.36 13.95
CA ASP A 225 24.23 3.79 13.67
C ASP A 225 22.92 4.17 12.98
N GLY A 226 22.50 3.33 12.05
CA GLY A 226 21.24 3.54 11.34
C GLY A 226 20.06 3.47 12.28
N LEU A 227 20.06 2.47 13.16
CA LEU A 227 18.98 2.32 14.14
C LEU A 227 18.91 3.54 15.07
N ASN A 228 20.07 4.05 15.48
CA ASN A 228 20.12 5.24 16.31
C ASN A 228 19.57 6.44 15.55
N PHE A 229 20.01 6.60 14.32
CA PHE A 229 19.54 7.68 13.46
C PHE A 229 18.02 7.66 13.33
N LEU A 230 17.47 6.47 13.14
CA LEU A 230 16.02 6.32 12.98
C LEU A 230 15.26 6.58 14.27
N TRP A 231 15.82 6.13 15.39
CA TRP A 231 15.14 6.23 16.68
C TRP A 231 15.54 7.42 17.56
N THR A 232 16.46 8.25 17.07
CA THR A 232 16.88 9.43 17.84
C THR A 232 16.02 10.64 17.51
N PRO A 233 15.24 11.09 18.51
CA PRO A 233 14.28 12.21 18.38
C PRO A 233 14.93 13.52 17.94
N ASP A 234 14.24 14.24 17.06
CA ASP A 234 14.65 15.59 16.66
C ASP A 234 13.43 16.49 16.68
N PHE A 235 13.48 17.54 17.49
CA PHE A 235 12.33 18.42 17.68
C PHE A 235 12.35 19.67 16.81
N GLU A 236 13.41 19.82 16.01
CA GLU A 236 13.54 20.99 15.15
C GLU A 236 12.72 20.83 13.87
N LYS A 237 12.32 19.60 13.57
CA LYS A 237 11.54 19.31 12.37
C LYS A 237 10.04 19.32 12.66
N LEU A 238 9.69 19.50 13.94
CA LEU A 238 8.29 19.48 14.35
C LEU A 238 7.51 20.67 13.82
N LYS A 239 8.22 21.71 13.40
CA LYS A 239 7.59 22.91 12.86
C LYS A 239 7.48 22.82 11.34
N ASP A 240 8.00 21.75 10.77
CA ASP A 240 7.94 21.53 9.34
C ASP A 240 6.67 20.76 8.98
N PRO A 241 5.73 21.42 8.29
CA PRO A 241 4.46 20.81 7.88
C PRO A 241 4.68 19.58 7.00
N GLY A 242 5.68 19.65 6.13
CA GLY A 242 5.97 18.57 5.20
C GLY A 242 6.17 17.23 5.89
N VAL A 243 6.78 17.27 7.07
CA VAL A 243 7.02 16.06 7.85
C VAL A 243 5.70 15.46 8.32
N TRP A 244 4.80 16.30 8.80
CA TRP A 244 3.48 15.85 9.23
C TRP A 244 2.69 15.28 8.05
N ILE A 245 2.75 15.97 6.92
CA ILE A 245 2.06 15.53 5.71
C ILE A 245 2.58 14.16 5.28
N ALA A 246 3.90 14.00 5.28
CA ALA A 246 4.52 12.74 4.90
C ALA A 246 4.13 11.63 5.86
N ALA A 247 4.10 11.95 7.15
CA ALA A 247 3.72 10.99 8.18
C ALA A 247 2.28 10.50 7.97
N VAL A 248 1.36 11.44 7.76
CA VAL A 248 -0.04 11.10 7.54
C VAL A 248 -0.21 10.26 6.27
N GLY A 249 0.41 10.71 5.18
CA GLY A 249 0.37 9.96 3.94
C GLY A 249 0.85 8.54 4.12
N GLN A 250 1.95 8.37 4.84
CA GLN A 250 2.51 7.05 5.10
C GLN A 250 1.55 6.20 5.93
N ILE A 251 0.93 6.81 6.94
CA ILE A 251 -0.07 6.12 7.75
C ILE A 251 -1.22 5.61 6.87
N PHE A 252 -1.73 6.48 6.00
CA PHE A 252 -2.80 6.09 5.10
C PHE A 252 -2.38 4.92 4.21
N PHE A 253 -1.23 5.05 3.57
CA PHE A 253 -0.77 4.05 2.62
C PHE A 253 -0.50 2.69 3.27
N THR A 254 0.19 2.70 4.41
CA THR A 254 0.63 1.46 5.03
C THR A 254 -0.51 0.67 5.68
N LEU A 255 -1.52 1.37 6.16
CA LEU A 255 -2.66 0.71 6.79
C LEU A 255 -3.77 0.39 5.78
N SER A 256 -3.51 0.68 4.52
CA SER A 256 -4.49 0.44 3.45
C SER A 256 -5.77 1.22 3.69
N LEU A 257 -5.65 2.40 4.29
CA LEU A 257 -6.81 3.24 4.57
C LEU A 257 -7.15 4.10 3.36
N GLY A 258 -8.44 4.22 3.07
CA GLY A 258 -8.90 5.04 1.95
C GLY A 258 -8.85 4.31 0.63
N PHE A 259 -8.44 3.05 0.65
CA PHE A 259 -8.36 2.25 -0.58
C PHE A 259 -9.62 1.42 -0.79
N GLY A 260 -10.53 1.47 0.18
CA GLY A 260 -11.75 0.67 0.11
C GLY A 260 -11.48 -0.82 0.30
N ALA A 261 -10.21 -1.17 0.49
CA ALA A 261 -9.82 -2.57 0.65
C ALA A 261 -10.23 -3.12 2.01
N ILE A 262 -9.89 -2.40 3.07
CA ILE A 262 -10.25 -2.79 4.42
C ILE A 262 -11.76 -3.02 4.54
N ILE A 263 -12.53 -2.09 3.99
CA ILE A 263 -13.99 -2.21 4.00
C ILE A 263 -14.44 -3.51 3.35
N THR A 264 -13.93 -3.79 2.15
CA THR A 264 -14.31 -4.99 1.42
C THR A 264 -13.95 -6.26 2.18
N TYR A 265 -12.73 -6.33 2.70
CA TYR A 265 -12.34 -7.46 3.53
C TYR A 265 -13.29 -7.60 4.73
N ALA A 266 -13.69 -6.46 5.29
CA ALA A 266 -14.54 -6.47 6.49
C ALA A 266 -15.96 -6.92 6.19
N SER A 267 -16.40 -6.72 4.95
CA SER A 267 -17.76 -7.12 4.57
C SER A 267 -17.96 -8.63 4.67
N TYR A 268 -16.86 -9.37 4.75
CA TYR A 268 -16.93 -10.83 4.86
C TYR A 268 -16.85 -11.29 6.32
N VAL A 269 -16.75 -10.34 7.23
CA VAL A 269 -16.82 -10.64 8.65
C VAL A 269 -18.29 -10.75 9.08
N ARG A 270 -18.64 -11.83 9.76
CA ARG A 270 -20.01 -12.03 10.19
C ARG A 270 -20.50 -10.86 11.04
N LYS A 271 -21.79 -10.56 10.91
CA LYS A 271 -22.37 -9.40 11.58
C LYS A 271 -22.07 -9.35 13.08
N ASP A 272 -22.07 -10.52 13.71
CA ASP A 272 -21.91 -10.61 15.16
C ASP A 272 -20.46 -10.65 15.64
N GLN A 273 -19.52 -10.91 14.73
CA GLN A 273 -18.12 -11.05 15.11
C GLN A 273 -17.46 -9.71 15.45
N ASP A 274 -16.48 -9.75 16.35
CA ASP A 274 -15.81 -8.55 16.82
C ASP A 274 -14.87 -7.94 15.78
N ILE A 275 -15.08 -6.67 15.46
CA ILE A 275 -14.14 -5.95 14.60
C ILE A 275 -13.17 -5.04 15.37
N VAL A 276 -13.39 -4.89 16.68
CA VAL A 276 -12.55 -3.98 17.47
C VAL A 276 -11.15 -4.53 17.76
N LEU A 277 -11.09 -5.71 18.36
CA LEU A 277 -9.84 -6.30 18.76
C LEU A 277 -9.10 -6.83 17.55
N SER A 278 -9.85 -7.36 16.60
CA SER A 278 -9.29 -7.84 15.35
C SER A 278 -8.62 -6.70 14.60
N GLY A 279 -9.33 -5.57 14.48
CA GLY A 279 -8.81 -4.41 13.79
C GLY A 279 -7.57 -3.86 14.48
N LEU A 280 -7.68 -3.65 15.78
CA LEU A 280 -6.53 -3.17 16.56
C LEU A 280 -5.31 -4.09 16.37
N THR A 281 -5.57 -5.40 16.35
CA THR A 281 -4.50 -6.38 16.20
C THR A 281 -3.85 -6.31 14.82
N ALA A 282 -4.67 -6.17 13.78
CA ALA A 282 -4.15 -6.04 12.42
C ALA A 282 -3.28 -4.80 12.28
N ALA A 283 -3.81 -3.66 12.72
CA ALA A 283 -3.07 -2.40 12.67
C ALA A 283 -1.75 -2.51 13.43
N THR A 284 -1.82 -3.02 14.65
CA THR A 284 -0.63 -3.18 15.49
C THR A 284 0.42 -4.05 14.79
N LEU A 285 -0.02 -5.18 14.25
CA LEU A 285 0.88 -6.05 13.50
C LEU A 285 1.55 -5.28 12.37
N ASN A 286 0.77 -4.49 11.65
CA ASN A 286 1.32 -3.68 10.57
C ASN A 286 2.41 -2.73 11.05
N GLU A 287 2.13 -2.00 12.12
CA GLU A 287 3.10 -1.05 12.66
C GLU A 287 4.37 -1.75 13.11
N LYS A 288 4.22 -2.91 13.73
CA LYS A 288 5.37 -3.72 14.12
C LYS A 288 6.20 -4.11 12.90
N ALA A 289 5.53 -4.53 11.83
CA ALA A 289 6.21 -4.93 10.61
C ALA A 289 6.88 -3.72 9.94
N GLU A 290 6.35 -2.53 10.21
CA GLU A 290 6.85 -1.30 9.59
C GLU A 290 8.06 -0.72 10.31
N VAL A 291 7.87 -0.30 11.56
CA VAL A 291 8.93 0.39 12.29
C VAL A 291 10.04 -0.54 12.76
N ILE A 292 9.68 -1.71 13.26
CA ILE A 292 10.65 -2.67 13.78
C ILE A 292 11.36 -3.46 12.68
N LEU A 293 10.60 -3.93 11.70
CA LEU A 293 11.16 -4.76 10.63
C LEU A 293 11.61 -3.92 9.44
N GLY A 294 10.66 -3.27 8.78
CA GLY A 294 10.96 -2.45 7.61
C GLY A 294 12.05 -1.43 7.85
N GLY A 295 11.95 -0.72 8.97
CA GLY A 295 12.91 0.33 9.29
C GLY A 295 14.28 -0.17 9.71
N SER A 296 14.36 -1.45 10.06
CA SER A 296 15.62 -2.02 10.56
C SER A 296 16.46 -2.70 9.48
N ILE A 297 15.98 -2.72 8.24
CA ILE A 297 16.68 -3.43 7.17
C ILE A 297 17.44 -2.50 6.22
N SER A 298 16.72 -1.78 5.37
CA SER A 298 17.33 -0.96 4.33
C SER A 298 18.23 0.14 4.90
N ILE A 299 17.65 0.98 5.74
CA ILE A 299 18.37 2.14 6.27
C ILE A 299 19.63 1.75 7.04
N PRO A 300 19.52 0.85 8.03
CA PRO A 300 20.71 0.48 8.81
C PRO A 300 21.82 -0.11 7.95
N ALA A 301 21.47 -0.79 6.87
CA ALA A 301 22.46 -1.35 5.95
C ALA A 301 23.14 -0.24 5.15
N ALA A 302 22.32 0.63 4.56
CA ALA A 302 22.84 1.77 3.81
C ALA A 302 23.80 2.59 4.66
N VAL A 303 23.36 2.91 5.88
CA VAL A 303 24.18 3.66 6.81
C VAL A 303 25.43 2.87 7.17
N ALA A 304 25.27 1.56 7.32
CA ALA A 304 26.38 0.69 7.64
C ALA A 304 27.50 0.86 6.62
N PHE A 305 27.18 0.68 5.33
CA PHE A 305 28.21 0.78 4.29
C PHE A 305 28.65 2.21 3.93
N PHE A 306 27.71 3.08 3.63
CA PHE A 306 28.03 4.44 3.17
C PHE A 306 27.96 5.55 4.22
N GLY A 307 27.53 5.23 5.44
CA GLY A 307 27.36 6.24 6.46
C GLY A 307 26.00 6.93 6.36
N VAL A 308 25.65 7.69 7.40
CA VAL A 308 24.34 8.33 7.48
C VAL A 308 24.04 9.32 6.34
N ALA A 309 24.90 10.32 6.17
CA ALA A 309 24.69 11.34 5.14
C ALA A 309 24.42 10.73 3.77
N ASN A 310 25.32 9.83 3.34
CA ASN A 310 25.17 9.17 2.06
C ASN A 310 23.89 8.34 1.97
N ALA A 311 23.53 7.69 3.08
CA ALA A 311 22.30 6.90 3.13
C ALA A 311 21.08 7.77 2.91
N VAL A 312 21.05 8.93 3.56
CA VAL A 312 19.97 9.89 3.41
C VAL A 312 19.91 10.39 1.96
N ALA A 313 21.07 10.69 1.40
CA ALA A 313 21.16 11.13 0.02
C ALA A 313 20.56 10.07 -0.93
N ILE A 314 20.92 8.82 -0.70
CA ILE A 314 20.42 7.71 -1.51
C ILE A 314 18.90 7.59 -1.36
N ALA A 315 18.42 7.75 -0.14
CA ALA A 315 16.98 7.69 0.13
C ALA A 315 16.25 8.77 -0.64
N LYS A 316 16.80 9.99 -0.63
CA LYS A 316 16.21 11.10 -1.36
C LYS A 316 16.29 10.86 -2.88
N ALA A 317 17.29 10.08 -3.30
CA ALA A 317 17.50 9.83 -4.72
C ALA A 317 16.26 9.22 -5.39
N GLY A 318 15.56 8.34 -4.65
CA GLY A 318 14.38 7.71 -5.18
C GLY A 318 13.85 6.59 -4.30
N ALA A 319 12.63 6.16 -4.58
CA ALA A 319 11.98 5.12 -3.78
C ALA A 319 12.51 3.73 -4.12
N PHE A 320 12.79 3.49 -5.39
CA PHE A 320 13.26 2.19 -5.85
C PHE A 320 14.78 2.08 -5.83
N ASN A 321 15.45 3.22 -5.62
CA ASN A 321 16.90 3.25 -5.61
C ASN A 321 17.49 2.54 -4.39
N LEU A 322 16.83 2.67 -3.25
CA LEU A 322 17.27 2.03 -2.02
C LEU A 322 16.99 0.54 -2.04
N GLY A 323 15.78 0.17 -2.48
CA GLY A 323 15.34 -1.22 -2.47
C GLY A 323 15.91 -2.08 -3.58
N PHE A 324 15.86 -1.60 -4.82
CA PHE A 324 16.26 -2.42 -5.96
C PHE A 324 17.72 -2.27 -6.39
N ILE A 325 18.43 -1.29 -5.81
CA ILE A 325 19.79 -1.01 -6.25
C ILE A 325 20.80 -1.03 -5.10
N THR A 326 20.66 -0.07 -4.19
CA THR A 326 21.61 0.10 -3.10
C THR A 326 21.74 -1.15 -2.23
N LEU A 327 20.62 -1.67 -1.75
CA LEU A 327 20.64 -2.82 -0.85
C LEU A 327 21.28 -4.07 -1.46
N PRO A 328 20.85 -4.46 -2.67
CA PRO A 328 21.47 -5.64 -3.29
C PRO A 328 22.96 -5.43 -3.57
N ALA A 329 23.33 -4.20 -3.89
CA ALA A 329 24.73 -3.85 -4.13
C ALA A 329 25.53 -4.01 -2.84
N ILE A 330 24.91 -3.65 -1.72
CA ILE A 330 25.54 -3.81 -0.42
C ILE A 330 25.69 -5.29 -0.09
N PHE A 331 24.64 -6.07 -0.34
CA PHE A 331 24.67 -7.51 -0.09
C PHE A 331 25.74 -8.19 -0.92
N SER A 332 25.92 -7.74 -2.16
CA SER A 332 26.88 -8.36 -3.07
C SER A 332 28.31 -8.30 -2.53
N GLN A 333 28.53 -7.44 -1.53
CA GLN A 333 29.86 -7.28 -0.96
C GLN A 333 30.07 -8.19 0.25
N THR A 334 29.08 -9.02 0.54
CA THR A 334 29.15 -9.92 1.68
C THR A 334 29.06 -11.37 1.23
N ALA A 335 29.57 -12.28 2.07
CA ALA A 335 29.52 -13.71 1.77
C ALA A 335 28.08 -14.19 1.65
N GLY A 336 27.77 -14.84 0.54
CA GLY A 336 26.42 -15.32 0.30
C GLY A 336 25.45 -14.16 0.11
N GLY A 337 25.95 -13.06 -0.44
CA GLY A 337 25.16 -11.87 -0.63
C GLY A 337 24.07 -12.02 -1.67
N THR A 338 24.32 -12.83 -2.69
CA THR A 338 23.33 -13.08 -3.73
C THR A 338 22.09 -13.73 -3.15
N PHE A 339 22.30 -14.76 -2.32
CA PHE A 339 21.20 -15.48 -1.69
C PHE A 339 20.43 -14.55 -0.76
N LEU A 340 21.16 -13.66 -0.10
CA LEU A 340 20.55 -12.69 0.79
C LEU A 340 19.63 -11.77 0.01
N GLY A 341 20.13 -11.29 -1.14
CA GLY A 341 19.31 -10.50 -2.05
C GLY A 341 18.05 -11.25 -2.42
N PHE A 342 18.22 -12.53 -2.75
CA PHE A 342 17.08 -13.38 -3.08
C PHE A 342 16.04 -13.36 -1.96
N LEU A 343 16.48 -13.59 -0.73
CA LEU A 343 15.59 -13.57 0.43
C LEU A 343 14.84 -12.23 0.50
N TRP A 344 15.58 -11.15 0.34
CA TRP A 344 15.01 -9.81 0.34
C TRP A 344 13.86 -9.68 -0.67
N PHE A 345 14.14 -10.02 -1.93
CA PHE A 345 13.15 -9.88 -2.99
C PHE A 345 11.98 -10.86 -2.84
N PHE A 346 12.22 -12.00 -2.20
CA PHE A 346 11.15 -12.95 -1.96
C PHE A 346 10.20 -12.39 -0.91
N LEU A 347 10.78 -11.85 0.15
CA LEU A 347 10.00 -11.14 1.18
C LEU A 347 9.14 -10.06 0.53
N LEU A 348 9.79 -9.18 -0.23
CA LEU A 348 9.09 -8.12 -0.93
C LEU A 348 7.93 -8.69 -1.76
N PHE A 349 8.20 -9.80 -2.45
CA PHE A 349 7.18 -10.40 -3.30
C PHE A 349 5.97 -10.90 -2.52
N PHE A 350 6.20 -11.57 -1.39
CA PHE A 350 5.08 -12.07 -0.59
C PHE A 350 4.25 -10.93 0.00
N ALA A 351 4.92 -9.92 0.54
CA ALA A 351 4.22 -8.75 1.08
C ALA A 351 3.38 -8.10 -0.02
N GLY A 352 4.00 -7.90 -1.18
CA GLY A 352 3.36 -7.30 -2.33
C GLY A 352 2.13 -8.06 -2.75
N LEU A 353 2.25 -9.38 -2.88
CA LEU A 353 1.15 -10.24 -3.28
C LEU A 353 -0.02 -10.11 -2.30
N THR A 354 0.29 -10.29 -1.02
CA THR A 354 -0.75 -10.23 0.02
C THR A 354 -1.49 -8.90 0.01
N SER A 355 -0.82 -7.85 -0.45
CA SER A 355 -1.51 -6.57 -0.62
C SER A 355 -2.34 -6.49 -1.91
N SER A 356 -1.75 -6.94 -3.01
CA SER A 356 -2.39 -6.83 -4.32
C SER A 356 -3.73 -7.55 -4.36
N ILE A 357 -3.77 -8.79 -3.87
CA ILE A 357 -5.04 -9.50 -3.83
C ILE A 357 -6.09 -8.65 -3.12
N ALA A 358 -5.65 -8.01 -2.04
CA ALA A 358 -6.52 -7.16 -1.25
C ALA A 358 -7.04 -5.97 -2.04
N ILE A 359 -6.21 -5.40 -2.92
CA ILE A 359 -6.68 -4.26 -3.71
C ILE A 359 -7.47 -4.60 -4.97
N MET A 360 -7.38 -5.84 -5.44
CA MET A 360 -8.27 -6.32 -6.52
C MET A 360 -9.65 -6.77 -6.00
N GLN A 361 -9.66 -7.24 -4.75
CA GLN A 361 -10.88 -7.76 -4.14
C GLN A 361 -12.07 -6.80 -4.15
N PRO A 362 -11.83 -5.48 -3.99
CA PRO A 362 -12.96 -4.55 -4.07
C PRO A 362 -13.67 -4.61 -5.42
N MET A 363 -12.92 -4.58 -6.51
CA MET A 363 -13.52 -4.67 -7.84
C MET A 363 -14.24 -6.00 -7.98
N ILE A 364 -13.55 -7.08 -7.63
CA ILE A 364 -14.18 -8.41 -7.70
C ILE A 364 -15.52 -8.44 -6.97
N ALA A 365 -15.51 -7.91 -5.75
CA ALA A 365 -16.69 -7.92 -4.88
C ALA A 365 -17.83 -7.05 -5.42
N PHE A 366 -17.48 -5.96 -6.10
CA PHE A 366 -18.50 -5.14 -6.74
C PHE A 366 -19.16 -5.93 -7.87
N LEU A 367 -18.32 -6.59 -8.67
CA LEU A 367 -18.84 -7.40 -9.77
C LEU A 367 -19.76 -8.51 -9.26
N GLU A 368 -19.38 -9.11 -8.12
CA GLU A 368 -20.17 -10.21 -7.54
C GLU A 368 -21.47 -9.71 -6.91
N ASP A 369 -21.37 -8.71 -6.04
CA ASP A 369 -22.53 -8.21 -5.29
C ASP A 369 -23.51 -7.43 -6.16
N GLU A 370 -23.00 -6.41 -6.85
CA GLU A 370 -23.86 -5.48 -7.59
C GLU A 370 -24.29 -5.98 -8.97
N LEU A 371 -23.36 -6.57 -9.71
CA LEU A 371 -23.67 -7.06 -11.06
C LEU A 371 -24.01 -8.56 -11.06
N LYS A 372 -23.95 -9.16 -9.88
CA LYS A 372 -24.32 -10.56 -9.71
C LYS A 372 -23.50 -11.53 -10.58
N LEU A 373 -22.24 -11.18 -10.82
CA LEU A 373 -21.33 -12.06 -11.55
C LEU A 373 -20.80 -13.17 -10.64
N SER A 374 -20.50 -14.32 -11.22
CA SER A 374 -19.87 -15.41 -10.48
C SER A 374 -18.45 -15.00 -10.11
N ARG A 375 -17.89 -15.63 -9.09
CA ARG A 375 -16.55 -15.28 -8.63
C ARG A 375 -15.52 -15.43 -9.73
N LYS A 376 -15.59 -16.54 -10.46
CA LYS A 376 -14.66 -16.82 -11.55
C LYS A 376 -14.64 -15.68 -12.57
N HIS A 377 -15.82 -15.31 -13.07
CA HIS A 377 -15.94 -14.26 -14.06
C HIS A 377 -15.45 -12.92 -13.52
N ALA A 378 -15.88 -12.58 -12.31
CA ALA A 378 -15.47 -11.33 -11.68
C ALA A 378 -13.94 -11.24 -11.63
N VAL A 379 -13.31 -12.31 -11.15
CA VAL A 379 -11.86 -12.36 -11.03
C VAL A 379 -11.16 -12.26 -12.38
N LEU A 380 -11.63 -13.02 -13.36
CA LEU A 380 -11.01 -13.02 -14.68
C LEU A 380 -11.12 -11.66 -15.38
N TRP A 381 -12.27 -11.00 -15.21
CA TRP A 381 -12.47 -9.68 -15.80
C TRP A 381 -11.66 -8.59 -15.09
N THR A 382 -11.63 -8.65 -13.76
CA THR A 382 -10.81 -7.73 -12.99
C THR A 382 -9.35 -7.86 -13.45
N ALA A 383 -8.90 -9.11 -13.55
CA ALA A 383 -7.53 -9.40 -13.99
C ALA A 383 -7.29 -8.87 -15.40
N ALA A 384 -8.27 -9.02 -16.28
CA ALA A 384 -8.16 -8.53 -17.64
C ALA A 384 -7.98 -7.01 -17.65
N ILE A 385 -8.83 -6.31 -16.91
CA ILE A 385 -8.77 -4.86 -16.83
C ILE A 385 -7.44 -4.38 -16.28
N VAL A 386 -7.03 -4.94 -15.15
CA VAL A 386 -5.75 -4.56 -14.53
C VAL A 386 -4.58 -4.81 -15.48
N PHE A 387 -4.53 -6.02 -16.05
CA PHE A 387 -3.45 -6.38 -16.96
C PHE A 387 -3.39 -5.43 -18.16
N PHE A 388 -4.53 -5.21 -18.80
CA PHE A 388 -4.59 -4.29 -19.93
C PHE A 388 -4.11 -2.90 -19.56
N SER A 389 -4.70 -2.31 -18.53
CA SER A 389 -4.33 -0.97 -18.09
C SER A 389 -2.85 -0.88 -17.75
N ALA A 390 -2.28 -2.00 -17.29
CA ALA A 390 -0.90 -2.01 -16.82
C ALA A 390 0.13 -1.64 -17.91
N HIS A 391 -0.25 -1.82 -19.17
CA HIS A 391 0.64 -1.48 -20.28
C HIS A 391 1.00 0.00 -20.26
N LEU A 392 0.08 0.81 -19.72
CA LEU A 392 0.30 2.24 -19.58
C LEU A 392 1.47 2.50 -18.65
N VAL A 393 1.49 1.80 -17.51
CA VAL A 393 2.57 1.96 -16.53
C VAL A 393 3.86 1.33 -17.02
N MET A 394 3.73 0.24 -17.77
CA MET A 394 4.90 -0.45 -18.30
C MET A 394 5.66 0.38 -19.34
N PHE A 395 4.95 0.86 -20.35
CA PHE A 395 5.60 1.55 -21.47
C PHE A 395 5.70 3.08 -21.36
N LEU A 396 5.02 3.67 -20.38
CA LEU A 396 5.02 5.12 -20.25
C LEU A 396 5.77 5.62 -19.00
N ASN A 397 6.86 6.32 -19.24
CA ASN A 397 7.66 6.88 -18.15
C ASN A 397 6.87 7.94 -17.37
N LYS A 398 6.93 7.84 -16.04
CA LYS A 398 6.31 8.82 -15.15
C LYS A 398 4.81 8.58 -14.93
N SER A 399 4.26 7.60 -15.64
CA SER A 399 2.85 7.24 -15.48
C SER A 399 2.61 6.70 -14.07
N LEU A 400 3.51 5.80 -13.66
CA LEU A 400 3.44 5.19 -12.34
C LEU A 400 3.35 6.25 -11.25
N ASP A 401 4.23 7.24 -11.32
CA ASP A 401 4.26 8.31 -10.33
C ASP A 401 2.94 9.09 -10.30
N GLU A 402 2.38 9.35 -11.47
CA GLU A 402 1.13 10.08 -11.59
C GLU A 402 -0.01 9.31 -10.93
N MET A 403 -0.13 8.03 -11.26
CA MET A 403 -1.15 7.19 -10.64
C MET A 403 -0.96 7.13 -9.13
N ASP A 404 0.27 6.89 -8.69
CA ASP A 404 0.58 6.80 -7.26
C ASP A 404 0.23 8.10 -6.55
N PHE A 405 0.34 9.20 -7.26
CA PHE A 405 0.01 10.51 -6.68
C PHE A 405 -1.49 10.69 -6.56
N TRP A 406 -2.18 10.72 -7.70
CA TRP A 406 -3.62 10.97 -7.71
C TRP A 406 -4.40 9.93 -6.90
N ALA A 407 -4.04 8.66 -7.02
CA ALA A 407 -4.75 7.59 -6.34
C ALA A 407 -4.20 7.32 -4.94
N GLY A 408 -2.94 6.89 -4.87
CA GLY A 408 -2.35 6.43 -3.63
C GLY A 408 -1.94 7.51 -2.64
N THR A 409 -2.06 8.78 -3.02
CA THR A 409 -1.67 9.86 -2.13
C THR A 409 -2.83 10.80 -1.78
N ILE A 410 -3.29 11.56 -2.77
CA ILE A 410 -4.40 12.49 -2.56
C ILE A 410 -5.72 11.76 -2.38
N GLY A 411 -5.99 10.83 -3.30
CA GLY A 411 -7.25 10.10 -3.32
C GLY A 411 -7.59 9.38 -2.02
N VAL A 412 -6.59 8.78 -1.39
CA VAL A 412 -6.83 8.02 -0.17
C VAL A 412 -7.19 8.92 1.00
N VAL A 413 -6.58 10.11 1.05
CA VAL A 413 -6.90 11.07 2.09
C VAL A 413 -8.29 11.64 1.88
N PHE A 414 -8.55 12.11 0.66
CA PHE A 414 -9.87 12.62 0.31
C PHE A 414 -10.96 11.60 0.64
N PHE A 415 -10.71 10.35 0.28
CA PHE A 415 -11.68 9.28 0.47
C PHE A 415 -11.85 8.91 1.94
N GLY A 416 -10.76 8.97 2.70
CA GLY A 416 -10.83 8.74 4.13
C GLY A 416 -11.72 9.78 4.79
N LEU A 417 -11.47 11.05 4.46
CA LEU A 417 -12.29 12.14 4.96
C LEU A 417 -13.75 11.94 4.58
N THR A 418 -13.99 11.59 3.31
CA THR A 418 -15.35 11.38 2.82
C THR A 418 -16.08 10.29 3.60
N GLU A 419 -15.44 9.13 3.73
CA GLU A 419 -16.06 7.99 4.42
C GLU A 419 -16.32 8.33 5.89
N LEU A 420 -15.36 8.98 6.52
CA LEU A 420 -15.52 9.37 7.92
C LEU A 420 -16.70 10.33 8.09
N ILE A 421 -16.81 11.28 7.16
CA ILE A 421 -17.89 12.26 7.21
C ILE A 421 -19.25 11.60 7.01
N ILE A 422 -19.30 10.65 6.08
CA ILE A 422 -20.55 9.96 5.80
C ILE A 422 -21.00 9.08 6.96
N PHE A 423 -20.04 8.34 7.53
CA PHE A 423 -20.35 7.39 8.59
C PHE A 423 -20.60 8.06 9.95
N PHE A 424 -19.70 8.93 10.37
CA PHE A 424 -19.75 9.50 11.72
C PHE A 424 -20.52 10.82 11.83
N TRP A 425 -20.90 11.40 10.70
CA TRP A 425 -21.65 12.65 10.70
C TRP A 425 -23.07 12.50 10.13
N ILE A 426 -23.16 12.16 8.85
CA ILE A 426 -24.45 12.01 8.20
C ILE A 426 -25.24 10.84 8.78
N PHE A 427 -24.64 9.66 8.79
CA PHE A 427 -25.27 8.48 9.35
C PHE A 427 -25.51 8.64 10.86
N GLY A 428 -24.84 9.64 11.43
CA GLY A 428 -24.95 9.91 12.86
C GLY A 428 -23.75 9.36 13.64
N ALA A 429 -23.37 10.08 14.69
CA ALA A 429 -22.19 9.72 15.48
C ALA A 429 -22.46 8.60 16.47
N ASP A 430 -23.63 8.65 17.11
CA ASP A 430 -23.99 7.66 18.13
C ASP A 430 -24.28 6.30 17.51
N LYS A 431 -25.02 6.32 16.40
CA LYS A 431 -25.32 5.08 15.68
C LYS A 431 -24.04 4.46 15.15
N ALA A 432 -23.13 5.30 14.67
CA ALA A 432 -21.83 4.85 14.18
C ALA A 432 -21.03 4.21 15.30
N TRP A 433 -20.93 4.91 16.42
CA TRP A 433 -20.20 4.42 17.59
C TRP A 433 -20.74 3.07 18.05
N GLU A 434 -22.06 2.99 18.19
CA GLU A 434 -22.71 1.76 18.60
C GLU A 434 -22.45 0.64 17.60
N GLU A 435 -22.43 0.99 16.32
CA GLU A 435 -22.17 0.00 15.27
C GLU A 435 -20.73 -0.51 15.36
N ILE A 436 -19.81 0.37 15.72
CA ILE A 436 -18.41 -0.01 15.86
C ILE A 436 -18.20 -0.92 17.06
N ASN A 437 -18.76 -0.52 18.20
CA ASN A 437 -18.55 -1.29 19.43
C ASN A 437 -19.34 -2.59 19.51
N ARG A 438 -20.42 -2.68 18.73
CA ARG A 438 -21.27 -3.86 18.77
C ARG A 438 -20.49 -5.15 18.49
N GLY A 439 -20.63 -6.12 19.39
CA GLY A 439 -20.01 -7.41 19.22
C GLY A 439 -18.53 -7.44 19.57
N GLY A 440 -17.98 -6.27 19.91
CA GLY A 440 -16.56 -6.15 20.21
C GLY A 440 -16.12 -6.93 21.43
N ILE A 441 -15.08 -7.73 21.26
CA ILE A 441 -14.48 -8.44 22.38
C ILE A 441 -14.00 -7.43 23.42
N ILE A 442 -13.45 -6.33 22.95
CA ILE A 442 -13.13 -5.19 23.80
C ILE A 442 -13.79 -3.96 23.21
N LYS A 443 -13.90 -2.90 24.00
CA LYS A 443 -14.56 -1.68 23.54
C LYS A 443 -13.58 -0.53 23.30
N VAL A 444 -13.88 0.29 22.31
CA VAL A 444 -13.04 1.44 21.99
C VAL A 444 -13.09 2.45 23.13
N PRO A 445 -11.91 2.93 23.56
CA PRO A 445 -11.84 3.97 24.59
C PRO A 445 -12.74 5.14 24.23
N ARG A 446 -13.46 5.66 25.23
CA ARG A 446 -14.43 6.72 25.02
C ARG A 446 -13.84 7.93 24.30
N ILE A 447 -12.60 8.27 24.64
CA ILE A 447 -11.95 9.45 24.07
C ILE A 447 -11.98 9.44 22.54
N TYR A 448 -11.82 8.26 21.96
CA TYR A 448 -11.80 8.13 20.50
C TYR A 448 -13.10 8.58 19.83
N TYR A 449 -14.21 8.52 20.57
CA TYR A 449 -15.47 9.02 20.05
C TYR A 449 -15.28 10.48 19.65
N TYR A 450 -14.57 11.22 20.47
CA TYR A 450 -14.33 12.63 20.21
C TYR A 450 -13.21 12.83 19.19
N VAL A 451 -12.37 11.81 19.03
CA VAL A 451 -11.30 11.86 18.04
C VAL A 451 -11.85 11.68 16.64
N MET A 452 -12.76 10.71 16.50
CA MET A 452 -13.39 10.41 15.23
C MET A 452 -14.30 11.54 14.75
N ARG A 453 -15.06 12.11 15.67
CA ARG A 453 -16.08 13.10 15.32
C ARG A 453 -15.55 14.50 15.05
N TYR A 454 -14.43 14.86 15.68
CA TYR A 454 -13.92 16.22 15.59
C TYR A 454 -12.47 16.30 15.10
N ILE A 455 -11.55 15.74 15.88
CA ILE A 455 -10.13 15.88 15.60
C ILE A 455 -9.71 15.37 14.21
N THR A 456 -9.99 14.10 13.94
CA THR A 456 -9.58 13.46 12.70
C THR A 456 -10.05 14.21 11.44
N PRO A 457 -11.37 14.45 11.31
CA PRO A 457 -11.89 15.10 10.11
C PRO A 457 -11.28 16.50 9.91
N ALA A 458 -11.09 17.23 11.01
CA ALA A 458 -10.48 18.55 10.95
C ALA A 458 -9.05 18.46 10.42
N PHE A 459 -8.26 17.57 11.01
CA PHE A 459 -6.89 17.36 10.57
C PHE A 459 -6.83 17.05 9.07
N LEU A 460 -7.63 16.07 8.64
CA LEU A 460 -7.65 15.69 7.24
C LEU A 460 -8.05 16.85 6.33
N ALA A 461 -9.06 17.61 6.76
CA ALA A 461 -9.53 18.75 5.97
C ALA A 461 -8.42 19.77 5.79
N VAL A 462 -7.76 20.13 6.89
CA VAL A 462 -6.63 21.05 6.83
C VAL A 462 -5.58 20.54 5.85
N LEU A 463 -5.20 19.28 6.03
CA LEU A 463 -4.21 18.66 5.15
C LEU A 463 -4.59 18.85 3.68
N LEU A 464 -5.81 18.45 3.34
CA LEU A 464 -6.30 18.55 1.97
C LEU A 464 -6.26 19.99 1.46
N VAL A 465 -6.65 20.93 2.31
CA VAL A 465 -6.62 22.35 1.94
C VAL A 465 -5.19 22.77 1.56
N VAL A 466 -4.23 22.45 2.41
CA VAL A 466 -2.84 22.79 2.13
C VAL A 466 -2.40 22.17 0.80
N TRP A 467 -2.59 20.86 0.68
CA TRP A 467 -2.20 20.14 -0.52
C TRP A 467 -2.74 20.82 -1.77
N ALA A 468 -4.06 20.98 -1.81
CA ALA A 468 -4.71 21.63 -2.94
C ALA A 468 -4.06 22.98 -3.23
N ARG A 469 -3.90 23.78 -2.18
CA ARG A 469 -3.27 25.09 -2.32
C ARG A 469 -1.96 24.99 -3.09
N GLU A 470 -1.14 24.01 -2.75
CA GLU A 470 0.17 23.87 -3.39
C GLU A 470 0.10 23.30 -4.81
N TYR A 471 -0.77 22.31 -5.01
CA TYR A 471 -0.81 21.57 -6.28
C TYR A 471 -1.62 22.22 -7.42
N ILE A 472 -2.68 22.96 -7.10
CA ILE A 472 -3.53 23.52 -8.14
C ILE A 472 -2.78 24.30 -9.22
N PRO A 473 -1.83 25.17 -8.82
CA PRO A 473 -1.09 25.90 -9.85
C PRO A 473 -0.18 24.99 -10.66
N LYS A 474 0.44 24.02 -9.99
CA LYS A 474 1.42 23.14 -10.62
C LYS A 474 0.80 22.22 -11.67
N ILE A 475 -0.41 21.75 -11.40
CA ILE A 475 -1.05 20.81 -12.31
C ILE A 475 -1.15 21.33 -13.75
N MET A 476 -1.72 22.52 -13.91
CA MET A 476 -1.94 23.07 -15.25
C MET A 476 -0.64 23.27 -16.03
N GLU A 477 0.41 23.69 -15.35
CA GLU A 477 1.70 23.76 -16.02
C GLU A 477 2.53 22.55 -15.63
N GLU A 478 2.54 21.57 -16.54
CA GLU A 478 3.37 20.39 -16.47
C GLU A 478 3.67 20.07 -17.92
N THR A 479 4.94 19.85 -18.25
CA THR A 479 5.32 19.76 -19.67
C THR A 479 5.04 18.42 -20.33
N HIS A 480 5.28 17.33 -19.61
CA HIS A 480 5.25 15.99 -20.20
C HIS A 480 3.86 15.52 -20.61
N TRP A 481 3.78 14.89 -21.79
CA TRP A 481 2.51 14.39 -22.31
C TRP A 481 2.10 13.06 -21.70
N THR A 482 3.09 12.30 -21.21
CA THR A 482 2.82 11.02 -20.57
C THR A 482 1.83 11.17 -19.41
N VAL A 483 1.99 12.24 -18.64
CA VAL A 483 1.13 12.48 -17.48
C VAL A 483 -0.29 12.84 -17.91
N TRP A 484 -0.42 13.57 -19.01
CA TRP A 484 -1.75 13.93 -19.53
C TRP A 484 -2.45 12.68 -20.08
N ILE A 485 -1.67 11.80 -20.70
CA ILE A 485 -2.20 10.52 -21.18
C ILE A 485 -2.71 9.70 -19.99
N THR A 486 -1.89 9.60 -18.95
CA THR A 486 -2.26 8.87 -17.75
C THR A 486 -3.53 9.43 -17.11
N ARG A 487 -3.54 10.74 -16.91
CA ARG A 487 -4.71 11.41 -16.33
C ARG A 487 -5.96 11.12 -17.15
N PHE A 488 -5.86 11.34 -18.46
CA PHE A 488 -6.97 11.06 -19.36
C PHE A 488 -7.48 9.64 -19.16
N TYR A 489 -6.57 8.68 -19.15
CA TYR A 489 -6.96 7.28 -19.04
C TYR A 489 -7.64 6.94 -17.72
N ILE A 490 -7.08 7.41 -16.60
CA ILE A 490 -7.66 7.10 -15.30
C ILE A 490 -9.02 7.79 -15.11
N ILE A 491 -9.16 8.99 -15.69
CA ILE A 491 -10.47 9.64 -15.74
C ILE A 491 -11.44 8.74 -16.50
N GLY A 492 -10.95 8.18 -17.60
CA GLY A 492 -11.73 7.20 -18.35
C GLY A 492 -12.17 6.03 -17.48
N LEU A 493 -11.26 5.53 -16.66
CA LEU A 493 -11.58 4.45 -15.75
C LEU A 493 -12.69 4.87 -14.80
N PHE A 494 -12.60 6.09 -14.28
CA PHE A 494 -13.62 6.60 -13.36
C PHE A 494 -14.99 6.61 -14.05
N LEU A 495 -15.04 7.12 -15.28
CA LEU A 495 -16.28 7.12 -16.04
C LEU A 495 -16.83 5.71 -16.23
N PHE A 496 -15.93 4.78 -16.55
CA PHE A 496 -16.29 3.38 -16.74
C PHE A 496 -16.94 2.81 -15.49
N LEU A 497 -16.29 2.98 -14.34
CA LEU A 497 -16.81 2.46 -13.07
C LEU A 497 -18.16 3.11 -12.74
N THR A 498 -18.27 4.41 -12.98
CA THR A 498 -19.53 5.11 -12.77
C THR A 498 -20.63 4.49 -13.62
N PHE A 499 -20.28 4.12 -14.84
CA PHE A 499 -21.23 3.48 -15.74
C PHE A 499 -21.66 2.11 -15.21
N LEU A 500 -20.69 1.34 -14.71
CA LEU A 500 -21.02 0.04 -14.13
C LEU A 500 -21.97 0.19 -12.94
N VAL A 501 -21.71 1.21 -12.11
CA VAL A 501 -22.58 1.50 -10.98
C VAL A 501 -23.98 1.85 -11.45
N PHE A 502 -24.06 2.63 -12.53
CA PHE A 502 -25.34 2.94 -13.16
C PHE A 502 -26.07 1.67 -13.54
N LEU A 503 -25.37 0.76 -14.22
CA LEU A 503 -25.96 -0.50 -14.65
C LEU A 503 -26.48 -1.33 -13.47
N ALA A 504 -25.68 -1.40 -12.41
CA ALA A 504 -26.08 -2.11 -11.19
C ALA A 504 -27.36 -1.51 -10.63
N GLU A 505 -27.36 -0.18 -10.51
CA GLU A 505 -28.51 0.55 -10.00
C GLU A 505 -29.77 0.23 -10.81
N ARG A 506 -29.61 0.18 -12.13
CA ARG A 506 -30.74 -0.13 -13.01
C ARG A 506 -31.21 -1.58 -12.84
N ARG A 507 -30.27 -2.49 -12.66
CA ARG A 507 -30.59 -3.90 -12.44
C ARG A 507 -31.41 -4.08 -11.16
N ARG A 508 -31.08 -3.29 -10.14
CA ARG A 508 -31.81 -3.34 -8.87
C ARG A 508 -33.31 -3.09 -9.10
N ASN A 509 -33.62 -1.99 -9.78
CA ASN A 509 -35.00 -1.63 -10.07
C ASN A 509 -35.72 -2.72 -10.86
#